data_5IO8
#
_entry.id   5IO8
#
_cell.length_a   60.115
_cell.length_b   60.277
_cell.length_c   62.603
_cell.angle_alpha   90.000
_cell.angle_beta   90.000
_cell.angle_gamma   90.000
#
_symmetry.space_group_name_H-M   'P 21 21 2'
#
loop_
_entity.id
_entity.type
_entity.pdbx_description
1 polymer 'VirG-like protein'
2 non-polymer 'IODIDE ION'
3 non-polymer 'SODIUM ION'
4 non-polymer 'PHOSPHATE ION'
5 water water
#
_entity_poly.entity_id   1
_entity_poly.type   'polypeptide(L)'
_entity_poly.pdbx_seq_one_letter_code
;GSHMTAVPNPPLPAQDPIVQHLKLTNDQITRIKKLHQQLETDVSQISMKGIKDGALIEVIKSGKWDDAAVKQQLAAFSNI
EQQARYYRVKYYFDLSKVLTPEQRQQVQQDLAQALE
;
_entity_poly.pdbx_strand_id   A,B
#
loop_
_chem_comp.id
_chem_comp.type
_chem_comp.name
_chem_comp.formula
IOD non-polymer 'IODIDE ION' 'I -1'
NA non-polymer 'SODIUM ION' 'Na 1'
PO4 non-polymer 'PHOSPHATE ION' 'O4 P -3'
#
# COMPACT_ATOMS: atom_id res chain seq x y z
N PRO A 8 -5.60 0.97 2.28
CA PRO A 8 -6.06 1.47 0.97
C PRO A 8 -7.53 1.95 0.99
N ASN A 9 -7.73 3.14 1.56
CA ASN A 9 -9.06 3.77 1.62
C ASN A 9 -9.45 4.71 0.47
N PRO A 10 -10.66 4.54 -0.07
CA PRO A 10 -11.24 5.48 -1.03
C PRO A 10 -11.51 6.82 -0.37
N PRO A 11 -11.14 7.94 -1.03
CA PRO A 11 -11.45 9.19 -0.34
C PRO A 11 -12.96 9.39 -0.27
N LEU A 12 -13.40 10.36 0.53
CA LEU A 12 -14.80 10.73 0.57
C LEU A 12 -15.22 11.16 -0.84
N PRO A 13 -16.48 10.93 -1.21
CA PRO A 13 -16.94 11.32 -2.54
C PRO A 13 -16.61 12.77 -2.89
N ALA A 14 -16.74 13.68 -1.92
CA ALA A 14 -16.44 15.08 -2.16
C ALA A 14 -14.97 15.26 -2.53
N GLN A 15 -14.10 14.37 -2.08
CA GLN A 15 -12.66 14.46 -2.35
C GLN A 15 -12.18 13.43 -3.36
N ASP A 16 -13.07 12.60 -3.88
CA ASP A 16 -12.62 11.49 -4.70
C ASP A 16 -12.49 11.84 -6.18
N PRO A 17 -11.26 11.82 -6.74
CA PRO A 17 -11.06 12.15 -8.15
C PRO A 17 -11.87 11.25 -9.09
N ILE A 18 -12.11 10.01 -8.68
CA ILE A 18 -12.85 9.08 -9.52
C ILE A 18 -14.30 9.53 -9.72
N VAL A 19 -14.88 10.21 -8.73
CA VAL A 19 -16.31 10.50 -8.82
C VAL A 19 -16.66 11.98 -8.95
N GLN A 20 -15.72 12.86 -8.57
CA GLN A 20 -15.99 14.29 -8.51
C GLN A 20 -16.23 14.83 -9.92
N HIS A 21 -15.61 14.21 -10.92
CA HIS A 21 -15.75 14.74 -12.28
C HIS A 21 -16.90 14.04 -13.06
N LEU A 22 -17.69 13.22 -12.36
CA LEU A 22 -18.77 12.49 -13.02
C LEU A 22 -20.06 13.25 -13.26
N LYS A 23 -20.24 14.39 -12.59
CA LYS A 23 -21.49 15.18 -12.69
C LYS A 23 -22.72 14.37 -12.21
N LEU A 24 -22.63 13.86 -10.99
CA LEU A 24 -23.71 13.06 -10.44
C LEU A 24 -24.91 13.91 -10.04
N THR A 25 -26.10 13.31 -10.06
CA THR A 25 -27.28 13.97 -9.51
C THR A 25 -27.21 13.90 -8.01
N ASN A 26 -28.08 14.68 -7.35
CA ASN A 26 -28.18 14.67 -5.90
C ASN A 26 -28.56 13.29 -5.38
N ASP A 27 -29.46 12.60 -6.08
CA ASP A 27 -29.86 11.24 -5.69
C ASP A 27 -28.67 10.29 -5.73
N GLN A 28 -27.85 10.39 -6.76
CA GLN A 28 -26.64 9.56 -6.89
C GLN A 28 -25.65 9.87 -5.79
N ILE A 29 -25.48 11.16 -5.51
CA ILE A 29 -24.59 11.62 -4.48
C ILE A 29 -24.98 11.03 -3.15
N THR A 30 -26.28 11.09 -2.82
CA THR A 30 -26.76 10.54 -1.55
C THR A 30 -26.47 9.03 -1.44
N ARG A 31 -26.70 8.28 -2.50
CA ARG A 31 -26.47 6.85 -2.47
C ARG A 31 -24.99 6.51 -2.24
N ILE A 32 -24.11 7.19 -2.97
CA ILE A 32 -22.68 6.91 -2.84
C ILE A 32 -22.13 7.33 -1.45
N LYS A 33 -22.64 8.42 -0.89
CA LYS A 33 -22.27 8.83 0.46
C LYS A 33 -22.65 7.76 1.47
N LYS A 34 -23.85 7.17 1.30
CA LYS A 34 -24.30 6.08 2.16
C LYS A 34 -23.37 4.85 2.01
N LEU A 35 -22.98 4.54 0.79
CA LEU A 35 -22.05 3.44 0.54
C LEU A 35 -20.68 3.69 1.19
N HIS A 36 -20.20 4.94 1.09
CA HIS A 36 -18.93 5.31 1.65
C HIS A 36 -18.99 5.24 3.18
N GLN A 37 -20.07 5.68 3.81
CA GLN A 37 -20.14 5.58 5.29
C GLN A 37 -20.06 4.13 5.73
N GLN A 38 -20.74 3.27 4.96
CA GLN A 38 -20.78 1.86 5.27
C GLN A 38 -19.41 1.21 5.06
N LEU A 39 -18.67 1.67 4.05
CA LEU A 39 -17.28 1.25 3.83
C LEU A 39 -16.47 1.58 5.07
N GLU A 40 -16.63 2.82 5.56
CA GLU A 40 -15.87 3.25 6.74
C GLU A 40 -16.22 2.42 7.95
N THR A 41 -17.52 2.16 8.13
CA THR A 41 -18.00 1.30 9.21
C THR A 41 -17.34 -0.09 9.14
N ASP A 42 -17.34 -0.70 7.97
CA ASP A 42 -16.79 -2.04 7.84
C ASP A 42 -15.27 -2.11 8.09
N VAL A 43 -14.53 -1.18 7.48
CA VAL A 43 -13.08 -1.19 7.61
C VAL A 43 -12.67 -0.97 9.07
N SER A 44 -13.38 -0.09 9.77
CA SER A 44 -13.09 0.19 11.18
C SER A 44 -13.26 -1.05 12.05
N GLN A 45 -13.94 -2.07 11.52
CA GLN A 45 -14.22 -3.30 12.26
C GLN A 45 -13.17 -4.38 12.00
N ILE A 46 -12.26 -4.10 11.08
CA ILE A 46 -11.18 -5.04 10.83
C ILE A 46 -10.20 -5.02 12.03
N SER A 47 -9.97 -6.18 12.65
CA SER A 47 -9.03 -6.28 13.77
C SER A 47 -7.60 -5.90 13.39
N MET A 48 -7.02 -4.93 14.09
CA MET A 48 -5.63 -4.56 13.83
C MET A 48 -4.73 -4.98 15.01
N LYS A 49 -5.04 -6.12 15.61
CA LYS A 49 -4.21 -6.66 16.68
C LYS A 49 -3.13 -7.57 16.12
N GLY A 54 5.74 -1.74 16.47
CA GLY A 54 7.08 -1.60 17.03
C GLY A 54 8.04 -2.74 16.70
N ALA A 55 7.44 -3.88 16.32
CA ALA A 55 8.17 -5.06 15.84
C ALA A 55 9.26 -4.77 14.79
N LEU A 56 8.93 -4.10 13.70
CA LEU A 56 9.93 -3.85 12.65
C LEU A 56 11.04 -2.90 13.12
N ILE A 57 10.69 -1.89 13.90
CA ILE A 57 11.68 -0.92 14.36
C ILE A 57 12.71 -1.57 15.30
N GLU A 58 12.27 -2.48 16.16
CA GLU A 58 13.18 -3.12 17.12
C GLU A 58 14.30 -3.90 16.41
N VAL A 59 13.95 -4.64 15.35
CA VAL A 59 14.94 -5.42 14.63
C VAL A 59 15.95 -4.50 13.93
N ILE A 60 15.48 -3.34 13.50
CA ILE A 60 16.35 -2.31 12.94
C ILE A 60 17.21 -1.77 14.08
N LYS A 61 16.60 -1.48 15.23
CA LYS A 61 17.31 -0.91 16.40
C LYS A 61 18.34 -1.85 17.02
N SER A 62 18.01 -3.13 17.10
CA SER A 62 18.88 -4.15 17.68
C SER A 62 20.14 -4.41 16.85
N GLY A 63 20.03 -4.29 15.53
CA GLY A 63 21.15 -4.61 14.65
C GLY A 63 21.22 -6.10 14.36
N LYS A 64 20.28 -6.84 14.95
CA LYS A 64 20.18 -8.28 14.75
C LYS A 64 18.93 -8.61 13.95
N TRP A 65 19.11 -9.26 12.81
CA TRP A 65 17.99 -9.62 11.96
C TRP A 65 17.18 -10.70 12.63
N ASP A 66 15.87 -10.50 12.65
CA ASP A 66 14.96 -11.48 13.21
C ASP A 66 13.96 -11.87 12.13
N ASP A 67 14.29 -12.91 11.39
CA ASP A 67 13.54 -13.23 10.18
C ASP A 67 12.08 -13.55 10.42
N ALA A 68 11.87 -14.33 11.47
CA ALA A 68 10.57 -14.80 11.85
C ALA A 68 9.67 -13.65 12.30
N ALA A 69 10.24 -12.71 13.05
CA ALA A 69 9.47 -11.58 13.58
C ALA A 69 9.09 -10.65 12.41
N VAL A 70 10.00 -10.47 11.47
CA VAL A 70 9.70 -9.64 10.30
C VAL A 70 8.60 -10.25 9.42
N LYS A 71 8.74 -11.52 9.05
CA LYS A 71 7.76 -12.19 8.21
C LYS A 71 6.38 -12.18 8.89
N GLN A 72 6.39 -12.37 10.21
CA GLN A 72 5.17 -12.40 11.00
C GLN A 72 4.44 -11.05 11.02
N GLN A 73 5.17 -10.00 11.37
CA GLN A 73 4.59 -8.67 11.38
C GLN A 73 4.06 -8.28 9.98
N LEU A 74 4.84 -8.56 8.94
CA LEU A 74 4.41 -8.24 7.60
C LEU A 74 3.17 -9.06 7.15
N ALA A 75 3.11 -10.33 7.52
CA ALA A 75 1.94 -11.15 7.24
C ALA A 75 0.72 -10.56 7.97
N ALA A 76 0.90 -10.14 9.23
CA ALA A 76 -0.20 -9.50 9.97
C ALA A 76 -0.72 -8.24 9.25
N PHE A 77 0.21 -7.42 8.77
CA PHE A 77 -0.16 -6.19 8.09
C PHE A 77 -0.79 -6.45 6.72
N SER A 78 -0.25 -7.41 5.98
CA SER A 78 -0.80 -7.78 4.69
C SER A 78 -2.21 -8.38 4.85
N ASN A 79 -2.40 -9.18 5.89
CA ASN A 79 -3.71 -9.74 6.09
C ASN A 79 -4.76 -8.64 6.33
N ILE A 80 -4.39 -7.61 7.10
CA ILE A 80 -5.28 -6.48 7.40
C ILE A 80 -5.61 -5.69 6.15
N GLU A 81 -4.57 -5.34 5.40
CA GLU A 81 -4.68 -4.55 4.19
C GLU A 81 -5.50 -5.27 3.11
N GLN A 82 -5.37 -6.59 3.07
CA GLN A 82 -6.10 -7.40 2.14
C GLN A 82 -7.59 -7.25 2.35
N GLN A 83 -8.00 -7.33 3.62
CA GLN A 83 -9.39 -7.20 4.00
C GLN A 83 -9.91 -5.81 3.68
N ALA A 84 -9.09 -4.79 3.95
CA ALA A 84 -9.46 -3.42 3.65
C ALA A 84 -9.68 -3.28 2.15
N ARG A 85 -8.81 -3.89 1.35
CA ARG A 85 -8.93 -3.79 -0.09
C ARG A 85 -10.18 -4.51 -0.62
N TYR A 86 -10.60 -5.57 0.05
CA TYR A 86 -11.83 -6.26 -0.29
C TYR A 86 -12.99 -5.25 -0.24
N TYR A 87 -13.10 -4.46 0.83
CA TYR A 87 -14.21 -3.50 0.94
C TYR A 87 -14.09 -2.31 -0.02
N ARG A 88 -12.84 -1.94 -0.34
CA ARG A 88 -12.64 -0.88 -1.31
C ARG A 88 -13.13 -1.32 -2.68
N VAL A 89 -12.82 -2.56 -3.06
CA VAL A 89 -13.26 -3.11 -4.34
C VAL A 89 -14.79 -3.18 -4.38
N LYS A 90 -15.41 -3.72 -3.32
CA LYS A 90 -16.86 -3.76 -3.22
C LYS A 90 -17.49 -2.36 -3.30
N TYR A 91 -16.87 -1.39 -2.67
CA TYR A 91 -17.37 -0.02 -2.66
C TYR A 91 -17.49 0.54 -4.09
N TYR A 92 -16.44 0.40 -4.91
CA TYR A 92 -16.52 0.85 -6.29
C TYR A 92 -17.44 -0.03 -7.15
N PHE A 93 -17.55 -1.31 -6.79
CA PHE A 93 -18.50 -2.17 -7.46
C PHE A 93 -19.91 -1.69 -7.15
N ASP A 94 -20.21 -1.46 -5.89
CA ASP A 94 -21.58 -1.02 -5.53
C ASP A 94 -21.89 0.39 -6.06
N LEU A 95 -20.89 1.27 -5.99
CA LEU A 95 -21.02 2.62 -6.46
C LEU A 95 -21.44 2.62 -7.93
N SER A 96 -20.84 1.76 -8.73
CA SER A 96 -21.07 1.79 -10.18
C SER A 96 -22.50 1.36 -10.54
N LYS A 97 -23.17 0.67 -9.62
CA LYS A 97 -24.58 0.26 -9.84
C LYS A 97 -25.49 1.45 -9.98
N VAL A 98 -25.15 2.60 -9.40
CA VAL A 98 -26.09 3.72 -9.47
C VAL A 98 -25.78 4.68 -10.64
N LEU A 99 -24.80 4.29 -11.46
CA LEU A 99 -24.33 5.11 -12.55
C LEU A 99 -25.01 4.83 -13.89
N THR A 100 -24.95 5.80 -14.78
CA THR A 100 -25.36 5.62 -16.17
C THR A 100 -24.25 4.81 -16.87
N PRO A 101 -24.52 4.23 -18.06
CA PRO A 101 -23.46 3.47 -18.75
C PRO A 101 -22.21 4.30 -19.02
N GLU A 102 -22.40 5.58 -19.34
CA GLU A 102 -21.27 6.48 -19.61
C GLU A 102 -20.42 6.70 -18.36
N GLN A 103 -21.08 6.99 -17.24
CA GLN A 103 -20.41 7.18 -15.97
C GLN A 103 -19.65 5.95 -15.54
N ARG A 104 -20.26 4.79 -15.75
CA ARG A 104 -19.68 3.50 -15.40
C ARG A 104 -18.36 3.26 -16.14
N GLN A 105 -18.39 3.57 -17.44
CA GLN A 105 -17.23 3.45 -18.31
C GLN A 105 -16.12 4.40 -17.87
N GLN A 106 -16.49 5.58 -17.40
CA GLN A 106 -15.51 6.52 -16.87
C GLN A 106 -14.86 6.01 -15.58
N VAL A 107 -15.70 5.43 -14.71
CA VAL A 107 -15.22 4.89 -13.45
C VAL A 107 -14.29 3.70 -13.70
N GLN A 108 -14.73 2.82 -14.59
CA GLN A 108 -13.96 1.64 -14.94
C GLN A 108 -12.60 2.05 -15.52
N GLN A 109 -12.59 3.07 -16.37
CA GLN A 109 -11.35 3.57 -16.95
C GLN A 109 -10.43 4.19 -15.88
N ASP A 110 -11.01 4.98 -14.97
CA ASP A 110 -10.24 5.61 -13.90
C ASP A 110 -9.59 4.56 -12.97
N LEU A 111 -10.33 3.51 -12.67
CA LEU A 111 -9.83 2.46 -11.78
C LEU A 111 -8.67 1.72 -12.41
N ALA A 112 -8.78 1.47 -13.71
CA ALA A 112 -7.73 0.80 -14.47
C ALA A 112 -6.42 1.60 -14.49
N GLN A 113 -6.52 2.91 -14.69
CA GLN A 113 -5.38 3.82 -14.69
C GLN A 113 -4.64 3.79 -13.36
N ALA A 114 -5.40 3.61 -12.28
CA ALA A 114 -4.84 3.48 -10.94
C ALA A 114 -4.12 2.13 -10.81
N LEU A 115 -4.60 1.16 -11.58
CA LEU A 115 -4.00 -0.18 -11.59
C LEU A 115 -4.09 -0.78 -10.19
N PRO B 8 8.30 2.73 -0.31
CA PRO B 8 7.71 1.45 -0.71
C PRO B 8 7.24 1.45 -2.16
N ASN B 9 8.14 1.36 -3.14
CA ASN B 9 9.54 1.01 -2.96
C ASN B 9 10.32 2.26 -2.55
N PRO B 10 11.34 2.11 -1.68
CA PRO B 10 12.12 3.30 -1.28
C PRO B 10 12.81 3.98 -2.47
N PRO B 11 12.76 5.33 -2.51
CA PRO B 11 13.43 6.09 -3.58
C PRO B 11 14.94 5.99 -3.39
N LEU B 12 15.71 6.47 -4.36
CA LEU B 12 17.15 6.56 -4.17
C LEU B 12 17.44 7.46 -2.96
N PRO B 13 18.57 7.26 -2.28
CA PRO B 13 18.91 7.97 -1.04
C PRO B 13 18.74 9.49 -1.08
N ALA B 14 19.12 10.13 -2.18
CA ALA B 14 19.02 11.57 -2.33
C ALA B 14 17.56 12.05 -2.37
N GLN B 15 16.64 11.17 -2.78
CA GLN B 15 15.22 11.55 -2.84
C GLN B 15 14.37 10.94 -1.71
N ASP B 16 15.00 10.13 -0.85
CA ASP B 16 14.30 9.39 0.23
C ASP B 16 14.22 10.22 1.53
N PRO B 17 13.01 10.61 1.94
CA PRO B 17 12.82 11.43 3.15
C PRO B 17 13.45 10.83 4.40
N ILE B 18 13.50 9.50 4.45
CA ILE B 18 14.10 8.79 5.58
C ILE B 18 15.64 8.96 5.69
N VAL B 19 16.35 9.11 4.58
CA VAL B 19 17.81 9.22 4.67
C VAL B 19 18.43 10.53 4.15
N GLN B 20 17.68 11.32 3.39
CA GLN B 20 18.25 12.50 2.73
C GLN B 20 18.74 13.56 3.71
N HIS B 21 18.16 13.64 4.90
CA HIS B 21 18.55 14.67 5.85
C HIS B 21 19.61 14.22 6.87
N LEU B 22 20.18 13.03 6.62
CA LEU B 22 21.15 12.43 7.51
C LEU B 22 22.55 13.02 7.38
N LYS B 23 22.77 13.81 6.33
CA LYS B 23 24.10 14.34 6.00
C LYS B 23 25.08 13.20 5.72
N LEU B 24 24.69 12.31 4.80
CA LEU B 24 25.52 11.14 4.50
C LEU B 24 26.82 11.55 3.82
N THR B 25 27.87 10.76 4.01
CA THR B 25 29.11 10.99 3.28
C THR B 25 29.03 10.39 1.89
N ASN B 26 29.97 10.76 1.03
CA ASN B 26 30.02 10.16 -0.30
C ASN B 26 30.24 8.65 -0.19
N ASP B 27 31.08 8.21 0.75
CA ASP B 27 31.26 6.77 0.94
C ASP B 27 29.95 6.10 1.37
N GLN B 28 29.20 6.72 2.28
CA GLN B 28 27.92 6.18 2.73
C GLN B 28 26.90 6.12 1.57
N ILE B 29 26.82 7.20 0.80
CA ILE B 29 25.94 7.25 -0.35
C ILE B 29 26.28 6.17 -1.37
N THR B 30 27.57 6.02 -1.69
CA THR B 30 27.95 4.99 -2.66
C THR B 30 27.47 3.59 -2.21
N ARG B 31 27.67 3.26 -0.94
CA ARG B 31 27.27 1.95 -0.40
C ARG B 31 25.74 1.79 -0.33
N ILE B 32 25.06 2.81 0.16
CA ILE B 32 23.61 2.73 0.27
C ILE B 32 23.00 2.61 -1.13
N LYS B 33 23.58 3.31 -2.11
CA LYS B 33 23.06 3.17 -3.49
C LYS B 33 23.27 1.76 -4.02
N LYS B 34 24.40 1.12 -3.66
CA LYS B 34 24.59 -0.27 -4.10
C LYS B 34 23.52 -1.17 -3.43
N LEU B 35 23.23 -0.92 -2.16
CA LEU B 35 22.14 -1.63 -1.49
C LEU B 35 20.80 -1.38 -2.21
N HIS B 36 20.60 -0.14 -2.64
CA HIS B 36 19.33 0.22 -3.24
C HIS B 36 19.21 -0.53 -4.55
N GLN B 37 20.31 -0.62 -5.27
CA GLN B 37 20.35 -1.31 -6.55
C GLN B 37 20.02 -2.78 -6.34
N GLN B 38 20.56 -3.40 -5.27
CA GLN B 38 20.27 -4.81 -4.97
C GLN B 38 18.85 -5.04 -4.54
N LEU B 39 18.31 -4.09 -3.79
CA LEU B 39 16.88 -4.10 -3.43
C LEU B 39 16.00 -4.13 -4.71
N GLU B 40 16.28 -3.25 -5.67
CA GLU B 40 15.46 -3.21 -6.91
C GLU B 40 15.57 -4.51 -7.67
N THR B 41 16.79 -5.01 -7.79
CA THR B 41 16.99 -6.31 -8.39
C THR B 41 16.18 -7.41 -7.70
N ASP B 42 16.24 -7.44 -6.38
CA ASP B 42 15.59 -8.49 -5.63
C ASP B 42 14.10 -8.40 -5.76
N VAL B 43 13.56 -7.18 -5.68
CA VAL B 43 12.14 -7.01 -5.79
C VAL B 43 11.69 -7.42 -7.18
N SER B 44 12.49 -7.10 -8.20
CA SER B 44 12.13 -7.43 -9.58
C SER B 44 12.02 -8.94 -9.77
N GLN B 45 12.61 -9.72 -8.86
CA GLN B 45 12.62 -11.19 -8.99
C GLN B 45 11.43 -11.88 -8.30
N ILE B 46 10.58 -11.09 -7.69
CA ILE B 46 9.34 -11.60 -7.09
C ILE B 46 8.36 -12.07 -8.18
N SER B 47 7.94 -13.31 -8.10
CA SER B 47 6.97 -13.87 -9.05
C SER B 47 5.67 -13.05 -9.03
N MET B 48 5.27 -12.48 -10.17
CA MET B 48 4.03 -11.70 -10.25
C MET B 48 3.00 -12.37 -11.16
N ALA B 55 -8.91 -9.00 -13.29
CA ALA B 55 -9.80 -9.64 -12.33
C ALA B 55 -10.81 -8.69 -11.66
N LEU B 56 -10.31 -7.65 -10.99
CA LEU B 56 -11.14 -6.67 -10.29
C LEU B 56 -11.96 -5.76 -11.21
N ILE B 57 -11.37 -5.40 -12.35
CA ILE B 57 -12.03 -4.54 -13.34
C ILE B 57 -13.23 -5.25 -13.93
N GLU B 58 -13.08 -6.54 -14.17
CA GLU B 58 -14.12 -7.35 -14.79
C GLU B 58 -15.41 -7.29 -13.99
N VAL B 59 -15.28 -7.28 -12.68
CA VAL B 59 -16.47 -7.24 -11.83
C VAL B 59 -17.26 -5.93 -12.02
N ILE B 60 -16.58 -4.82 -12.27
CA ILE B 60 -17.25 -3.56 -12.60
C ILE B 60 -17.94 -3.62 -13.95
N LYS B 61 -17.21 -4.11 -14.94
CA LYS B 61 -17.73 -4.18 -16.28
C LYS B 61 -18.88 -5.19 -16.33
N SER B 62 -18.68 -6.33 -15.68
CA SER B 62 -19.69 -7.38 -15.70
C SER B 62 -20.91 -7.00 -14.87
N GLY B 63 -20.69 -6.26 -13.78
CA GLY B 63 -21.82 -5.94 -12.92
C GLY B 63 -22.17 -7.11 -12.02
N LYS B 64 -21.44 -8.21 -12.19
CA LYS B 64 -21.65 -9.42 -11.41
C LYS B 64 -20.54 -9.60 -10.41
N TRP B 65 -20.88 -9.66 -9.12
CA TRP B 65 -19.84 -9.83 -8.09
C TRP B 65 -19.27 -11.22 -8.19
N ASP B 66 -17.95 -11.34 -8.23
CA ASP B 66 -17.30 -12.63 -8.25
C ASP B 66 -16.40 -12.74 -7.02
N ASP B 67 -17.00 -13.25 -5.95
CA ASP B 67 -16.36 -13.21 -4.66
C ASP B 67 -15.05 -13.99 -4.61
N ALA B 68 -15.05 -15.17 -5.21
CA ALA B 68 -13.86 -16.02 -5.19
C ALA B 68 -12.72 -15.37 -5.97
N ALA B 69 -13.06 -14.80 -7.12
CA ALA B 69 -12.07 -14.17 -8.00
C ALA B 69 -11.51 -12.92 -7.36
N VAL B 70 -12.37 -12.15 -6.68
CA VAL B 70 -11.87 -10.95 -6.01
C VAL B 70 -10.83 -11.33 -4.95
N LYS B 71 -11.20 -12.29 -4.10
CA LYS B 71 -10.36 -12.74 -3.01
C LYS B 71 -9.05 -13.37 -3.49
N GLN B 72 -9.11 -14.11 -4.60
CA GLN B 72 -7.94 -14.76 -5.16
C GLN B 72 -6.89 -13.72 -5.59
N GLN B 73 -7.33 -12.75 -6.38
CA GLN B 73 -6.50 -11.66 -6.86
C GLN B 73 -5.90 -10.90 -5.70
N LEU B 74 -6.73 -10.62 -4.69
CA LEU B 74 -6.27 -9.90 -3.54
C LEU B 74 -5.22 -10.68 -2.72
N ALA B 75 -5.41 -12.00 -2.60
CA ALA B 75 -4.41 -12.85 -1.92
C ALA B 75 -3.08 -12.86 -2.69
N ALA B 76 -3.16 -13.02 -4.02
CA ALA B 76 -1.95 -13.02 -4.85
C ALA B 76 -1.19 -11.70 -4.72
N PHE B 77 -1.91 -10.59 -4.72
CA PHE B 77 -1.26 -9.31 -4.60
C PHE B 77 -0.61 -9.12 -3.21
N SER B 78 -1.32 -9.53 -2.17
CA SER B 78 -0.84 -9.41 -0.81
C SER B 78 0.43 -10.22 -0.59
N ASN B 79 0.47 -11.42 -1.18
CA ASN B 79 1.64 -12.27 -1.06
C ASN B 79 2.86 -11.60 -1.69
N ILE B 80 2.65 -10.91 -2.81
CA ILE B 80 3.72 -10.17 -3.47
C ILE B 80 4.18 -8.98 -2.66
N GLU B 81 3.24 -8.15 -2.19
CA GLU B 81 3.56 -6.98 -1.38
C GLU B 81 4.28 -7.39 -0.08
N GLN B 82 3.92 -8.54 0.49
CA GLN B 82 4.62 -9.05 1.68
C GLN B 82 6.09 -9.23 1.37
N GLN B 83 6.38 -9.85 0.22
CA GLN B 83 7.75 -10.09 -0.22
C GLN B 83 8.53 -8.79 -0.48
N ALA B 84 7.88 -7.84 -1.15
CA ALA B 84 8.48 -6.54 -1.45
C ALA B 84 8.76 -5.78 -0.18
N ARG B 85 7.82 -5.82 0.79
CA ARG B 85 8.05 -5.09 2.05
C ARG B 85 9.17 -5.72 2.88
N TYR B 86 9.33 -7.02 2.74
CA TYR B 86 10.43 -7.74 3.40
C TYR B 86 11.76 -7.12 2.95
N TYR B 87 11.94 -6.92 1.64
CA TYR B 87 13.17 -6.36 1.13
C TYR B 87 13.31 -4.91 1.50
N ARG B 88 12.19 -4.20 1.60
CA ARG B 88 12.26 -2.82 2.02
C ARG B 88 12.79 -2.71 3.47
N VAL B 89 12.30 -3.56 4.35
CA VAL B 89 12.76 -3.57 5.73
C VAL B 89 14.25 -3.97 5.78
N LYS B 90 14.61 -4.99 5.02
CA LYS B 90 15.94 -5.47 4.94
C LYS B 90 16.88 -4.37 4.46
N TYR B 91 16.40 -3.56 3.51
CA TYR B 91 17.16 -2.43 2.98
C TYR B 91 17.52 -1.43 4.07
N TYR B 92 16.54 -1.02 4.86
CA TYR B 92 16.81 -0.06 5.93
C TYR B 92 17.64 -0.69 7.06
N PHE B 93 17.52 -2.00 7.25
CA PHE B 93 18.35 -2.72 8.21
C PHE B 93 19.81 -2.68 7.75
N ASP B 94 20.05 -3.05 6.50
CA ASP B 94 21.40 -3.08 5.94
C ASP B 94 22.00 -1.70 5.84
N LEU B 95 21.17 -0.76 5.40
CA LEU B 95 21.56 0.62 5.26
C LEU B 95 22.11 1.19 6.56
N SER B 96 21.43 0.88 7.64
CA SER B 96 21.76 1.47 8.93
C SER B 96 23.11 0.96 9.45
N LYS B 97 23.57 -0.18 8.93
CA LYS B 97 24.91 -0.72 9.29
C LYS B 97 26.03 0.25 8.87
N VAL B 98 25.84 1.08 7.84
CA VAL B 98 26.95 1.97 7.47
C VAL B 98 26.80 3.35 8.10
N LEU B 99 25.75 3.52 8.90
CA LEU B 99 25.49 4.81 9.52
C LEU B 99 26.19 4.93 10.87
N THR B 100 26.38 6.17 11.31
CA THR B 100 26.84 6.43 12.66
C THR B 100 25.71 6.16 13.63
N PRO B 101 26.05 6.00 14.93
CA PRO B 101 24.96 5.80 15.90
C PRO B 101 23.94 6.95 15.92
N GLU B 102 24.40 8.19 15.76
CA GLU B 102 23.46 9.31 15.67
C GLU B 102 22.58 9.17 14.41
N GLN B 103 23.18 8.91 13.26
CA GLN B 103 22.39 8.74 12.03
C GLN B 103 21.38 7.62 12.15
N ARG B 104 21.84 6.53 12.77
CA ARG B 104 21.03 5.34 12.95
C ARG B 104 19.79 5.65 13.77
N GLN B 105 19.97 6.42 14.84
CA GLN B 105 18.84 6.83 15.68
C GLN B 105 17.81 7.65 14.88
N GLN B 106 18.30 8.56 14.01
CA GLN B 106 17.41 9.40 13.21
C GLN B 106 16.59 8.54 12.25
N VAL B 107 17.22 7.54 11.65
CA VAL B 107 16.54 6.65 10.72
C VAL B 107 15.43 5.86 11.41
N GLN B 108 15.71 5.37 12.61
CA GLN B 108 14.67 4.65 13.34
C GLN B 108 13.50 5.54 13.65
N GLN B 109 13.79 6.78 14.02
CA GLN B 109 12.75 7.75 14.32
C GLN B 109 11.89 8.07 13.08
N ASP B 110 12.52 8.25 11.92
CA ASP B 110 11.77 8.50 10.68
C ASP B 110 10.89 7.32 10.26
N LEU B 111 11.44 6.11 10.43
CA LEU B 111 10.71 4.90 10.05
C LEU B 111 9.48 4.66 10.91
N ALA B 112 9.60 4.89 12.21
CA ALA B 112 8.49 4.70 13.14
C ALA B 112 7.35 5.62 12.77
N GLN B 113 7.71 6.87 12.48
CA GLN B 113 6.77 7.91 12.07
C GLN B 113 6.01 7.52 10.79
N ALA B 114 6.70 6.81 9.88
CA ALA B 114 6.08 6.29 8.67
C ALA B 114 5.17 5.12 8.99
I IOD C . -19.41 10.75 -17.88
I IOD D . -7.21 -2.66 -4.43
I IOD E . -19.54 10.52 3.05
I IOD F . -18.85 13.65 1.29
I IOD G . -18.09 -0.58 -18.39
I IOD H . 6.57 -1.48 13.17
I IOD I . -10.43 -10.95 1.91
NA NA J . 0.50 -6.11 2.06
NA NA K . -20.91 3.99 11.95
NA NA L . -1.78 -6.22 0.94
NA NA M . -13.28 17.79 -14.65
P PO4 N . -19.76 14.86 -4.31
O1 PO4 N . -20.39 15.28 -5.64
O2 PO4 N . -19.76 13.37 -4.18
O3 PO4 N . -20.46 15.43 -3.10
O4 PO4 N . -18.33 15.35 -4.44
P PO4 O . 0.26 -6.33 15.30
O1 PO4 O . -0.22 -5.37 14.23
O2 PO4 O . -0.08 -7.76 14.90
O3 PO4 O . -0.42 -6.01 16.62
O4 PO4 O . 1.75 -6.20 15.48
P PO4 P . -22.31 9.59 -25.30
O1 PO4 P . -23.04 8.27 -25.19
O2 PO4 P . -22.12 9.91 -26.77
O3 PO4 P . -20.95 9.45 -24.64
O4 PO4 P . -23.09 10.70 -24.64
I IOD Q . 8.18 -12.44 3.41
I IOD R . 27.47 9.24 17.04
I IOD S . -7.23 -6.14 -11.78
I IOD T . 23.81 10.86 -5.11
I IOD U . 21.63 12.63 11.96
I IOD V . 30.64 2.21 3.12
I IOD W . 6.73 -1.98 5.46
NA NA X . 21.95 11.80 0.13
#